data_2XHC
#
_entry.id   2XHC
#
_cell.length_a   59.750
_cell.length_b   59.750
_cell.length_c   310.135
_cell.angle_alpha   90.00
_cell.angle_beta   90.00
_cell.angle_gamma   90.00
#
_symmetry.space_group_name_H-M   'P 43 2 2'
#
loop_
_entity.id
_entity.type
_entity.pdbx_description
1 polymer 'TRANSCRIPTION ANTITERMINATION PROTEIN NUSG'
2 water water
#
_entity_poly.entity_id   1
_entity_poly.type   'polypeptide(L)'
_entity_poly.pdbx_seq_one_letter_code
;MKKKWYIVLTMSGYEEKVKENIEKKVEATGIKNLVGRIVIPEEVVLDATSPSERLILSPKAKLHVNNGKDVNKGDLIAEE
PPIYARRSGVIVDVKNVRKIVVETIDRKYTKTYYIPESAGIEPGLRVGTKVKQGLPLSKNEEYICELDGKIVEIERMKKV
VVQTPDGEQDVYYIPLDVFDRDRIKKGKEVKQGEMLAEARKFFAKVSGRVEVVDYSTRKEIRIYKTKRRKLFPGYVFVEM
IMNDEAYNFVRSVPYVMGFVSSGGQPVPVKDREMRPILRLAGLEEYEEKKKPVKVELGFKVGDMVKIISGPFEDFAGVIK
EIDPERQELKVNVTIFGRETPVVLHVSEVEKI
;
_entity_poly.pdbx_strand_id   A
#
# COMPACT_ATOMS: atom_id res chain seq x y z
N LYS A 3 21.08 -15.05 -20.46
CA LYS A 3 21.77 -13.77 -20.55
C LYS A 3 20.92 -12.76 -21.34
N LYS A 4 19.84 -13.23 -21.93
CA LYS A 4 18.94 -12.37 -22.69
C LYS A 4 17.46 -12.75 -22.58
N TRP A 5 16.60 -11.81 -22.90
CA TRP A 5 15.16 -12.03 -22.83
C TRP A 5 14.57 -12.64 -24.08
N TYR A 6 13.70 -13.63 -23.88
CA TYR A 6 13.02 -14.27 -24.98
C TYR A 6 11.59 -14.47 -24.56
N ILE A 7 10.71 -14.49 -25.54
CA ILE A 7 9.31 -14.75 -25.26
C ILE A 7 9.05 -16.20 -25.56
N VAL A 8 8.49 -16.90 -24.60
CA VAL A 8 8.10 -18.27 -24.80
C VAL A 8 6.60 -18.29 -24.97
N LEU A 9 6.14 -18.99 -25.99
CA LEU A 9 4.73 -19.10 -26.28
C LEU A 9 4.08 -20.25 -25.54
N THR A 10 2.90 -19.98 -24.97
CA THR A 10 2.11 -20.98 -24.28
C THR A 10 0.67 -20.77 -24.73
N MET A 11 -0.23 -21.58 -24.20
CA MET A 11 -1.64 -21.34 -24.46
C MET A 11 -2.09 -20.20 -23.57
N SER A 12 -2.97 -19.34 -24.08
CA SER A 12 -3.51 -18.27 -23.27
C SER A 12 -4.01 -18.86 -21.96
N GLY A 13 -3.55 -18.29 -20.85
CA GLY A 13 -3.96 -18.74 -19.53
C GLY A 13 -3.16 -19.89 -18.94
N TYR A 14 -2.04 -20.26 -19.55
CA TYR A 14 -1.20 -21.35 -19.02
C TYR A 14 0.18 -20.85 -18.59
N GLU A 15 0.37 -19.54 -18.67
CA GLU A 15 1.65 -18.91 -18.42
C GLU A 15 2.27 -19.35 -17.09
N GLU A 16 1.45 -19.36 -16.06
CA GLU A 16 1.93 -19.61 -14.72
C GLU A 16 2.43 -21.04 -14.60
N LYS A 17 1.79 -21.96 -15.29
CA LYS A 17 2.19 -23.37 -15.24
C LYS A 17 3.55 -23.55 -15.89
N VAL A 18 3.76 -22.86 -17.00
CA VAL A 18 5.04 -22.91 -17.71
C VAL A 18 6.19 -22.35 -16.87
N LYS A 19 5.93 -21.31 -16.09
CA LYS A 19 6.97 -20.74 -15.25
C LYS A 19 7.34 -21.72 -14.15
N GLU A 20 6.32 -22.33 -13.57
CA GLU A 20 6.52 -23.33 -12.53
C GLU A 20 7.30 -24.52 -13.11
N ASN A 21 6.82 -25.06 -14.22
CA ASN A 21 7.45 -26.20 -14.83
C ASN A 21 8.92 -25.94 -15.08
N ILE A 22 9.21 -24.79 -15.68
CA ILE A 22 10.58 -24.44 -16.01
C ILE A 22 11.42 -24.38 -14.75
N GLU A 23 10.85 -23.78 -13.70
CA GLU A 23 11.54 -23.63 -12.43
C GLU A 23 11.80 -25.00 -11.81
N LYS A 24 10.85 -25.91 -11.98
CA LYS A 24 10.97 -27.25 -11.44
C LYS A 24 12.05 -28.00 -12.22
N LYS A 25 11.93 -28.01 -13.53
CA LYS A 25 12.90 -28.69 -14.37
C LYS A 25 14.33 -28.28 -14.00
N VAL A 26 14.52 -26.99 -13.75
CA VAL A 26 15.81 -26.48 -13.32
C VAL A 26 16.25 -27.14 -12.03
N GLU A 27 15.28 -27.41 -11.17
CA GLU A 27 15.57 -27.99 -9.86
C GLU A 27 15.81 -29.50 -9.94
N ALA A 28 14.96 -30.19 -10.70
CA ALA A 28 15.04 -31.64 -10.81
C ALA A 28 16.21 -32.08 -11.68
N THR A 29 16.96 -31.11 -12.17
CA THR A 29 17.87 -31.35 -13.27
C THR A 29 19.26 -30.83 -12.92
N GLY A 30 19.30 -29.82 -12.06
CA GLY A 30 20.56 -29.27 -11.58
C GLY A 30 21.23 -28.36 -12.59
N ILE A 31 20.59 -28.15 -13.73
CA ILE A 31 21.10 -27.19 -14.70
C ILE A 31 20.60 -25.80 -14.29
N LYS A 32 21.49 -25.01 -13.73
CA LYS A 32 21.10 -23.75 -13.10
C LYS A 32 21.78 -22.56 -13.77
N ASN A 33 22.47 -22.82 -14.86
CA ASN A 33 23.24 -21.80 -15.58
C ASN A 33 22.54 -21.30 -16.84
N LEU A 34 21.39 -21.89 -17.16
CA LEU A 34 20.73 -21.57 -18.43
C LEU A 34 19.70 -20.46 -18.23
N VAL A 35 18.77 -20.71 -17.33
CA VAL A 35 17.66 -19.80 -17.15
C VAL A 35 17.88 -18.90 -15.95
N GLY A 36 17.63 -17.61 -16.15
CA GLY A 36 17.67 -16.65 -15.07
C GLY A 36 16.25 -16.31 -14.64
N ARG A 37 15.88 -15.04 -14.78
CA ARG A 37 14.57 -14.56 -14.36
C ARG A 37 13.46 -14.89 -15.35
N ILE A 38 12.26 -15.08 -14.83
CA ILE A 38 11.11 -15.37 -15.65
C ILE A 38 9.95 -14.48 -15.23
N VAL A 39 9.41 -13.72 -16.19
CA VAL A 39 8.41 -12.72 -15.91
C VAL A 39 7.10 -12.92 -16.70
N ILE A 40 5.99 -12.80 -15.98
CA ILE A 40 4.67 -12.83 -16.58
C ILE A 40 4.00 -11.46 -16.32
N PRO A 41 4.14 -10.54 -17.29
CA PRO A 41 3.75 -9.13 -17.13
C PRO A 41 2.31 -9.00 -16.73
N GLU A 42 2.07 -8.62 -15.48
CA GLU A 42 0.71 -8.38 -15.06
C GLU A 42 0.50 -6.91 -14.75
N GLU A 43 -0.73 -6.46 -14.88
CA GLU A 43 -1.08 -5.08 -14.59
C GLU A 43 -1.97 -5.12 -13.38
N VAL A 44 -1.61 -4.37 -12.35
CA VAL A 44 -2.42 -4.38 -11.15
C VAL A 44 -3.41 -3.21 -11.19
N VAL A 45 -4.68 -3.56 -11.29
CA VAL A 45 -5.73 -2.56 -11.36
C VAL A 45 -6.47 -2.46 -10.04
N LEU A 46 -7.13 -1.32 -9.80
CA LEU A 46 -7.98 -1.17 -8.63
C LEU A 46 -9.21 -2.06 -8.76
N ASP A 47 -9.67 -2.59 -7.63
CA ASP A 47 -10.80 -3.52 -7.65
C ASP A 47 -11.64 -3.37 -6.38
N ALA A 48 -11.62 -2.18 -5.79
CA ALA A 48 -12.33 -1.98 -4.54
C ALA A 48 -13.07 -0.65 -4.54
N THR A 49 -14.33 -0.69 -4.14
CA THR A 49 -15.15 0.50 -4.10
C THR A 49 -14.80 1.34 -2.86
N SER A 50 -14.06 0.73 -1.94
CA SER A 50 -13.68 1.39 -0.70
C SER A 50 -12.62 0.58 0.06
N PRO A 51 -11.89 1.22 1.00
CA PRO A 51 -10.72 0.65 1.72
C PRO A 51 -10.98 -0.71 2.35
N SER A 52 -9.94 -1.53 2.42
CA SER A 52 -10.04 -2.80 3.09
C SER A 52 -9.29 -2.68 4.40
N GLU A 53 -8.44 -1.66 4.48
CA GLU A 53 -7.96 -1.19 5.75
C GLU A 53 -7.89 0.33 5.71
N ARG A 54 -8.22 0.94 6.84
CA ARG A 54 -8.05 2.37 7.01
C ARG A 54 -7.32 2.57 8.32
N LEU A 55 -6.05 2.92 8.23
CA LEU A 55 -5.26 3.13 9.44
C LEU A 55 -5.18 4.62 9.69
N ILE A 56 -5.53 5.04 10.90
CA ILE A 56 -5.42 6.44 11.28
C ILE A 56 -4.20 6.65 12.16
N LEU A 57 -3.44 7.71 11.85
CA LEU A 57 -2.14 7.92 12.46
C LEU A 57 -1.89 9.38 12.82
N SER A 58 -1.02 9.59 13.78
CA SER A 58 -0.61 10.93 14.15
C SER A 58 0.04 11.62 12.96
N PRO A 59 -0.08 12.96 12.91
CA PRO A 59 0.57 13.76 11.86
C PRO A 59 2.09 13.57 11.89
N LYS A 60 2.64 13.16 13.03
CA LYS A 60 4.08 12.91 13.12
C LYS A 60 4.48 11.47 12.82
N ALA A 61 3.54 10.70 12.26
CA ALA A 61 3.83 9.30 11.90
C ALA A 61 4.68 9.19 10.65
N LYS A 62 5.85 8.58 10.77
CA LYS A 62 6.66 8.29 9.59
C LYS A 62 5.95 7.23 8.73
N LEU A 63 5.69 7.56 7.48
CA LEU A 63 5.05 6.61 6.56
C LEU A 63 6.10 5.90 5.71
N HIS A 64 6.02 4.58 5.65
CA HIS A 64 6.94 3.82 4.83
C HIS A 64 6.30 3.46 3.49
N VAL A 65 5.15 4.08 3.21
CA VAL A 65 4.49 3.89 1.94
C VAL A 65 4.07 5.23 1.34
N ASN A 66 3.35 5.19 0.23
CA ASN A 66 2.92 6.41 -0.45
C ASN A 66 1.87 6.13 -1.52
N ASN A 67 0.97 7.10 -1.71
CA ASN A 67 -0.08 7.00 -2.71
C ASN A 67 0.29 6.17 -3.94
N GLY A 68 -0.64 5.32 -4.37
CA GLY A 68 -0.42 4.48 -5.53
C GLY A 68 0.40 3.22 -5.27
N LYS A 69 1.17 3.21 -4.20
CA LYS A 69 2.02 2.06 -3.90
C LYS A 69 1.21 0.80 -3.64
N ASP A 70 1.74 -0.34 -4.04
CA ASP A 70 1.11 -1.62 -3.79
C ASP A 70 1.86 -2.37 -2.70
N VAL A 71 1.13 -2.92 -1.74
CA VAL A 71 1.75 -3.57 -0.58
C VAL A 71 1.20 -4.97 -0.29
N ASN A 72 2.01 -5.79 0.38
CA ASN A 72 1.59 -7.13 0.78
C ASN A 72 1.22 -7.21 2.26
N LYS A 73 0.25 -8.08 2.54
CA LYS A 73 -0.33 -8.28 3.87
C LYS A 73 0.59 -8.17 5.09
N GLY A 74 1.91 -8.20 4.92
CA GLY A 74 2.73 -8.08 6.11
C GLY A 74 3.65 -6.87 6.15
N ASP A 75 3.63 -6.07 5.10
CA ASP A 75 4.63 -5.03 4.98
C ASP A 75 4.45 -3.97 6.04
N LEU A 76 5.59 -3.43 6.48
CA LEU A 76 5.60 -2.27 7.35
C LEU A 76 5.11 -1.09 6.55
N ILE A 77 4.04 -0.46 7.00
CA ILE A 77 3.49 0.66 6.23
C ILE A 77 3.66 1.99 6.95
N ALA A 78 3.98 1.94 8.23
CA ALA A 78 4.12 3.18 8.99
C ALA A 78 4.74 2.96 10.35
N GLU A 79 5.09 4.05 11.00
CA GLU A 79 5.82 4.01 12.25
C GLU A 79 5.56 5.28 13.04
N GLU A 80 5.09 5.12 14.28
CA GLU A 80 4.80 6.23 15.15
C GLU A 80 6.01 6.39 16.08
N PRO A 81 6.55 7.60 16.17
CA PRO A 81 7.75 7.88 16.98
C PRO A 81 7.56 7.55 18.46
N PRO A 82 8.66 7.54 19.23
CA PRO A 82 8.53 7.31 20.67
C PRO A 82 7.99 8.57 21.32
N ILE A 83 7.58 8.47 22.57
CA ILE A 83 7.09 9.62 23.28
C ILE A 83 8.12 10.06 24.30
N TYR A 84 8.37 11.37 24.36
CA TYR A 84 9.45 11.90 25.18
C TYR A 84 8.96 12.96 26.16
N ALA A 85 9.43 12.89 27.40
CA ALA A 85 9.01 13.86 28.38
C ALA A 85 9.53 15.23 27.97
N ARG A 86 8.62 16.20 27.87
CA ARG A 86 8.98 17.51 27.38
C ARG A 86 9.68 18.25 28.50
N ARG A 87 9.28 17.97 29.73
CA ARG A 87 9.90 18.59 30.87
C ARG A 87 10.08 17.63 32.04
N SER A 88 11.08 17.93 32.86
CA SER A 88 11.35 17.16 34.07
C SER A 88 10.27 17.37 35.11
N GLY A 89 9.95 16.31 35.85
CA GLY A 89 8.97 16.38 36.91
C GLY A 89 8.60 15.01 37.46
N VAL A 90 7.57 14.97 38.29
CA VAL A 90 7.09 13.71 38.82
C VAL A 90 5.69 13.41 38.31
N ILE A 91 5.45 12.14 38.04
CA ILE A 91 4.16 11.66 37.61
C ILE A 91 3.14 11.76 38.75
N VAL A 92 2.11 12.56 38.57
CA VAL A 92 1.14 12.76 39.63
C VAL A 92 -0.17 12.03 39.35
N ASP A 93 -0.33 11.54 38.14
CA ASP A 93 -1.53 10.78 37.81
C ASP A 93 -1.26 9.92 36.61
N VAL A 94 -1.77 8.70 36.68
CA VAL A 94 -1.78 7.77 35.55
C VAL A 94 -3.20 7.24 35.54
N LYS A 95 -3.88 7.38 34.41
CA LYS A 95 -5.30 7.08 34.37
C LYS A 95 -5.66 6.32 33.11
N ASN A 96 -6.43 5.26 33.28
CA ASN A 96 -6.94 4.51 32.14
C ASN A 96 -8.03 5.30 31.44
N VAL A 97 -7.92 5.39 30.13
CA VAL A 97 -8.73 6.31 29.37
C VAL A 97 -8.92 5.74 27.98
N ARG A 98 -10.15 5.79 27.47
CA ARG A 98 -10.42 5.37 26.10
C ARG A 98 -10.43 6.57 25.15
N LYS A 99 -9.66 6.49 24.08
CA LYS A 99 -9.67 7.52 23.06
C LYS A 99 -10.66 7.16 21.97
N ILE A 100 -11.65 8.03 21.76
CA ILE A 100 -12.61 7.82 20.69
C ILE A 100 -12.56 9.00 19.73
N VAL A 101 -12.13 8.70 18.52
CA VAL A 101 -11.99 9.70 17.48
C VAL A 101 -13.19 9.65 16.54
N VAL A 102 -13.94 10.76 16.50
CA VAL A 102 -15.13 10.91 15.67
C VAL A 102 -14.90 11.78 14.43
N GLU A 103 -15.22 11.23 13.26
CA GLU A 103 -15.18 11.97 12.01
C GLU A 103 -16.59 12.45 11.70
N THR A 104 -16.75 13.75 11.52
CA THR A 104 -18.08 14.30 11.29
C THR A 104 -18.38 14.47 9.80
N ILE A 105 -19.66 14.61 9.47
CA ILE A 105 -20.10 14.72 8.09
C ILE A 105 -19.49 15.96 7.44
N ASP A 106 -19.30 16.99 8.26
CA ASP A 106 -18.60 18.20 7.81
C ASP A 106 -17.13 17.87 7.54
N ARG A 107 -16.84 16.58 7.42
CA ARG A 107 -15.52 16.06 7.06
C ARG A 107 -14.33 16.89 7.54
N LYS A 108 -13.19 16.73 6.87
CA LYS A 108 -12.05 17.64 7.01
C LYS A 108 -11.20 17.39 8.26
N TYR A 109 -11.77 17.61 9.44
CA TYR A 109 -11.04 17.34 10.67
C TYR A 109 -11.90 16.66 11.73
N THR A 110 -11.20 16.00 12.64
CA THR A 110 -11.81 15.01 13.50
C THR A 110 -11.98 15.53 14.94
N LYS A 111 -12.84 14.86 15.71
CA LYS A 111 -13.04 15.18 17.11
C LYS A 111 -12.55 14.02 17.98
N THR A 112 -11.57 14.28 18.82
CA THR A 112 -11.04 13.25 19.71
C THR A 112 -11.65 13.37 21.09
N TYR A 113 -12.17 12.26 21.61
CA TYR A 113 -12.62 12.22 22.99
C TYR A 113 -11.79 11.27 23.86
N TYR A 114 -11.72 11.60 25.14
CA TYR A 114 -11.04 10.76 26.11
C TYR A 114 -11.99 10.47 27.26
N ILE A 115 -12.56 9.28 27.26
CA ILE A 115 -13.48 8.90 28.30
C ILE A 115 -12.77 8.02 29.32
N PRO A 116 -12.68 8.51 30.56
CA PRO A 116 -12.07 7.77 31.66
C PRO A 116 -12.74 6.41 31.76
N GLU A 117 -11.97 5.33 31.78
CA GLU A 117 -12.52 4.00 31.86
C GLU A 117 -13.47 3.89 33.06
N SER A 118 -13.12 4.54 34.17
CA SER A 118 -13.94 4.52 35.39
C SER A 118 -15.34 5.08 35.19
N ALA A 119 -15.62 5.61 34.00
CA ALA A 119 -16.94 6.13 33.67
C ALA A 119 -17.69 5.15 32.78
N GLY A 120 -17.15 3.94 32.63
CA GLY A 120 -17.74 2.91 31.80
C GLY A 120 -17.92 3.32 30.36
N ILE A 121 -17.16 2.71 29.46
CA ILE A 121 -17.33 2.98 28.04
C ILE A 121 -18.61 2.31 27.58
N GLU A 122 -19.43 3.05 26.83
CA GLU A 122 -20.70 2.50 26.38
C GLU A 122 -20.46 1.23 25.58
N PRO A 123 -21.20 0.16 25.92
CA PRO A 123 -21.12 -1.06 25.12
C PRO A 123 -21.79 -0.79 23.78
N GLY A 124 -21.16 -1.22 22.69
CA GLY A 124 -21.74 -1.00 21.38
C GLY A 124 -20.93 -0.01 20.55
N LEU A 125 -19.92 0.57 21.18
CA LEU A 125 -19.05 1.52 20.49
C LEU A 125 -17.96 0.80 19.73
N ARG A 126 -17.93 0.96 18.42
CA ARG A 126 -16.88 0.39 17.59
C ARG A 126 -16.52 1.35 16.47
N VAL A 127 -15.34 1.17 15.89
CA VAL A 127 -15.00 1.85 14.66
C VAL A 127 -16.12 1.57 13.65
N GLY A 128 -16.73 2.61 13.12
CA GLY A 128 -17.83 2.45 12.20
C GLY A 128 -19.17 2.80 12.82
N THR A 129 -19.20 2.98 14.13
CA THR A 129 -20.44 3.29 14.84
C THR A 129 -20.86 4.75 14.65
N LYS A 130 -22.10 4.95 14.21
CA LYS A 130 -22.65 6.29 14.07
C LYS A 130 -23.01 6.84 15.45
N VAL A 131 -22.73 8.13 15.66
CA VAL A 131 -23.04 8.78 16.91
C VAL A 131 -23.75 10.10 16.67
N LYS A 132 -24.63 10.49 17.57
CA LYS A 132 -25.29 11.78 17.44
C LYS A 132 -25.21 12.58 18.73
N GLN A 133 -25.35 13.89 18.62
CA GLN A 133 -25.25 14.79 19.76
C GLN A 133 -26.27 14.46 20.82
N GLY A 134 -25.85 14.45 22.08
CA GLY A 134 -26.72 14.11 23.17
C GLY A 134 -26.58 12.66 23.58
N LEU A 135 -26.21 11.82 22.61
CA LEU A 135 -25.92 10.42 22.91
C LEU A 135 -24.68 10.30 23.78
N PRO A 136 -24.83 9.68 24.96
CA PRO A 136 -23.69 9.50 25.86
C PRO A 136 -22.65 8.58 25.23
N LEU A 137 -21.40 8.77 25.63
CA LEU A 137 -20.34 7.85 25.24
C LEU A 137 -19.96 7.03 26.45
N SER A 138 -20.15 7.62 27.63
CA SER A 138 -19.91 6.93 28.89
C SER A 138 -21.18 6.24 29.35
N LYS A 139 -21.02 5.13 30.06
CA LYS A 139 -22.15 4.33 30.52
C LYS A 139 -23.03 5.12 31.48
N ASN A 140 -22.46 6.12 32.13
CA ASN A 140 -23.23 6.99 33.01
C ASN A 140 -23.45 8.37 32.40
N GLU A 141 -23.35 9.39 33.23
CA GLU A 141 -23.45 10.77 32.76
C GLU A 141 -22.06 11.26 32.35
N GLU A 142 -21.94 12.56 32.14
CA GLU A 142 -20.70 13.17 31.69
C GLU A 142 -20.35 12.59 30.32
N TYR A 143 -19.38 13.21 29.65
CA TYR A 143 -18.88 12.69 28.38
C TYR A 143 -20.02 12.27 27.46
N ILE A 144 -20.74 13.26 26.96
CA ILE A 144 -21.76 13.02 25.94
C ILE A 144 -21.17 13.46 24.62
N CYS A 145 -21.67 12.88 23.52
CA CYS A 145 -21.18 13.25 22.19
C CYS A 145 -21.74 14.61 21.76
N GLU A 146 -20.86 15.53 21.38
CA GLU A 146 -21.29 16.88 21.01
C GLU A 146 -21.50 17.05 19.49
N LEU A 147 -21.17 16.02 18.72
CA LEU A 147 -21.13 16.19 17.28
C LEU A 147 -21.46 14.89 16.53
N ASP A 148 -22.56 14.91 15.78
CA ASP A 148 -22.92 13.78 14.93
C ASP A 148 -21.72 13.40 14.07
N GLY A 149 -21.52 12.09 13.90
CA GLY A 149 -20.42 11.57 13.11
C GLY A 149 -20.28 10.07 13.26
N LYS A 150 -19.11 9.55 12.89
CA LYS A 150 -18.81 8.14 13.04
C LYS A 150 -17.47 7.97 13.72
N ILE A 151 -17.32 6.88 14.45
CA ILE A 151 -16.05 6.59 15.10
C ILE A 151 -15.11 6.03 14.02
N VAL A 152 -13.93 6.62 13.91
CA VAL A 152 -12.91 6.11 12.99
C VAL A 152 -11.71 5.54 13.75
N GLU A 153 -11.76 5.60 15.07
CA GLU A 153 -10.71 5.06 15.91
C GLU A 153 -11.16 5.05 17.35
N ILE A 154 -10.93 3.93 18.00
CA ILE A 154 -11.12 3.83 19.43
C ILE A 154 -9.96 3.01 19.96
N GLU A 155 -9.34 3.50 21.02
CA GLU A 155 -8.05 3.00 21.43
C GLU A 155 -7.92 3.17 22.93
N ARG A 156 -7.39 2.15 23.60
CA ARG A 156 -7.16 2.25 25.03
C ARG A 156 -5.84 2.99 25.27
N MET A 157 -5.84 3.89 26.24
CA MET A 157 -4.61 4.63 26.52
C MET A 157 -4.46 4.81 28.01
N LYS A 158 -3.29 5.31 28.38
CA LYS A 158 -3.02 5.73 29.73
C LYS A 158 -2.82 7.24 29.67
N LYS A 159 -3.56 7.95 30.48
CA LYS A 159 -3.29 9.38 30.65
C LYS A 159 -2.22 9.60 31.72
N VAL A 160 -1.05 10.07 31.30
CA VAL A 160 0.00 10.38 32.23
C VAL A 160 0.18 11.88 32.44
N VAL A 161 0.05 12.31 33.69
CA VAL A 161 0.25 13.70 34.06
C VAL A 161 1.56 13.88 34.80
N VAL A 162 2.48 14.58 34.17
CA VAL A 162 3.74 14.92 34.81
C VAL A 162 3.66 16.33 35.35
N GLN A 163 4.04 16.51 36.60
CA GLN A 163 3.96 17.82 37.22
C GLN A 163 5.34 18.38 37.53
N THR A 164 5.53 19.59 37.05
CA THR A 164 6.79 20.31 37.18
C THR A 164 6.97 20.74 38.64
N PRO A 165 8.21 21.05 39.01
CA PRO A 165 8.53 21.45 40.38
C PRO A 165 7.79 22.70 40.84
N ASP A 166 7.50 23.61 39.92
CA ASP A 166 6.80 24.82 40.31
C ASP A 166 5.28 24.64 40.28
N GLY A 167 4.82 23.57 39.64
CA GLY A 167 3.42 23.21 39.69
C GLY A 167 2.71 23.08 38.36
N GLU A 168 3.40 23.38 37.26
CA GLU A 168 2.78 23.24 35.95
C GLU A 168 2.71 21.77 35.54
N GLN A 169 1.98 21.47 34.47
CA GLN A 169 1.73 20.09 34.12
C GLN A 169 1.81 19.78 32.63
N ASP A 170 2.39 18.63 32.31
CA ASP A 170 2.34 18.06 30.96
C ASP A 170 1.48 16.80 30.98
N VAL A 171 0.67 16.65 29.94
CA VAL A 171 -0.23 15.54 29.84
C VAL A 171 0.20 14.72 28.64
N TYR A 172 0.39 13.43 28.85
CA TYR A 172 0.62 12.56 27.70
C TYR A 172 -0.38 11.44 27.68
N TYR A 173 -0.77 11.04 26.48
CA TYR A 173 -1.62 9.87 26.31
C TYR A 173 -0.79 8.74 25.73
N ILE A 174 -0.53 7.72 26.56
CA ILE A 174 0.24 6.57 26.12
C ILE A 174 -0.67 5.48 25.58
N PRO A 175 -0.44 5.09 24.32
CA PRO A 175 -1.18 3.92 23.83
C PRO A 175 -0.90 2.71 24.73
N LEU A 176 -1.96 2.10 25.25
CA LEU A 176 -1.86 1.00 26.22
C LEU A 176 -0.85 -0.08 25.87
N ASP A 177 -0.83 -0.52 24.62
CA ASP A 177 0.05 -1.60 24.21
C ASP A 177 1.53 -1.23 24.35
N VAL A 178 1.86 0.06 24.44
CA VAL A 178 3.23 0.45 24.77
C VAL A 178 3.41 0.99 26.18
N PHE A 179 2.39 0.84 27.02
CA PHE A 179 2.47 1.33 28.37
C PHE A 179 3.49 0.50 29.16
N ASP A 180 4.37 1.18 29.87
CA ASP A 180 5.47 0.52 30.57
C ASP A 180 5.42 0.76 32.07
N ARG A 181 4.84 -0.21 32.79
CA ARG A 181 4.55 -0.10 34.22
C ARG A 181 5.67 0.42 35.10
N ASP A 182 6.91 0.16 34.74
CA ASP A 182 7.98 0.57 35.65
C ASP A 182 8.44 1.99 35.37
N ARG A 183 8.41 2.39 34.10
CA ARG A 183 8.68 3.77 33.73
C ARG A 183 7.52 4.69 34.15
N ILE A 184 6.30 4.21 33.95
CA ILE A 184 5.11 5.05 34.07
C ILE A 184 4.27 4.65 35.27
N LYS A 185 4.53 5.29 36.40
CA LYS A 185 3.71 5.04 37.58
C LYS A 185 3.66 6.27 38.47
N LYS A 186 2.49 6.48 39.08
CA LYS A 186 2.35 7.59 40.01
C LYS A 186 3.53 7.63 40.97
N GLY A 187 4.12 8.81 41.11
CA GLY A 187 5.17 9.01 42.09
C GLY A 187 6.57 8.96 41.53
N LYS A 188 6.69 8.58 40.26
CA LYS A 188 8.00 8.41 39.67
C LYS A 188 8.51 9.69 39.05
N GLU A 189 9.81 9.90 39.23
CA GLU A 189 10.50 11.04 38.63
C GLU A 189 10.74 10.77 37.15
N VAL A 190 10.28 11.67 36.30
CA VAL A 190 10.66 11.62 34.90
C VAL A 190 11.59 12.78 34.59
N LYS A 191 12.44 12.60 33.60
CA LYS A 191 13.46 13.58 33.27
C LYS A 191 13.22 14.06 31.86
N GLN A 192 13.63 15.29 31.56
CA GLN A 192 13.38 15.84 30.25
C GLN A 192 14.19 15.08 29.22
N GLY A 193 13.55 14.67 28.14
CA GLY A 193 14.21 13.88 27.11
C GLY A 193 13.99 12.38 27.28
N GLU A 194 13.58 11.98 28.48
CA GLU A 194 13.27 10.59 28.75
C GLU A 194 12.14 10.02 27.90
N MET A 195 12.42 8.90 27.26
CA MET A 195 11.41 8.16 26.51
C MET A 195 10.40 7.58 27.49
N LEU A 196 9.16 8.04 27.40
CA LEU A 196 8.10 7.54 28.28
C LEU A 196 7.44 6.34 27.62
N ALA A 197 7.59 6.25 26.30
CA ALA A 197 7.09 5.10 25.57
C ALA A 197 7.79 4.96 24.22
N GLU A 198 8.00 3.72 23.82
CA GLU A 198 8.66 3.40 22.57
C GLU A 198 7.79 3.68 21.35
N ALA A 199 8.45 3.68 20.20
CA ALA A 199 7.80 3.82 18.91
C ALA A 199 6.85 2.65 18.65
N ARG A 200 5.95 2.81 17.69
CA ARG A 200 5.07 1.73 17.28
C ARG A 200 5.20 1.49 15.79
N LYS A 201 5.17 0.23 15.39
CA LYS A 201 5.16 -0.11 13.98
C LYS A 201 3.75 -0.51 13.54
N PHE A 202 3.54 -0.50 12.23
CA PHE A 202 2.25 -0.83 11.66
C PHE A 202 2.46 -1.56 10.37
N PHE A 203 1.76 -2.67 10.20
CA PHE A 203 1.90 -3.49 9.01
C PHE A 203 0.57 -3.63 8.30
N ALA A 204 0.63 -3.77 6.99
CA ALA A 204 -0.58 -3.89 6.20
C ALA A 204 -1.39 -5.04 6.74
N LYS A 205 -2.62 -4.78 7.16
CA LYS A 205 -3.53 -5.85 7.54
C LYS A 205 -3.94 -6.64 6.31
N VAL A 206 -3.85 -6.00 5.15
CA VAL A 206 -4.30 -6.57 3.90
C VAL A 206 -3.37 -6.16 2.75
N SER A 207 -3.36 -6.95 1.68
CA SER A 207 -2.63 -6.60 0.46
C SER A 207 -3.50 -5.74 -0.45
N GLY A 208 -2.87 -4.79 -1.15
CA GLY A 208 -3.57 -3.93 -2.09
C GLY A 208 -2.85 -2.64 -2.38
N ARG A 209 -3.56 -1.66 -2.92
CA ARG A 209 -2.98 -0.37 -3.25
C ARG A 209 -3.21 0.61 -2.12
N VAL A 210 -2.18 1.36 -1.74
CA VAL A 210 -2.35 2.33 -0.68
C VAL A 210 -2.78 3.68 -1.22
N GLU A 211 -3.55 4.37 -0.41
CA GLU A 211 -3.85 5.77 -0.62
C GLU A 211 -3.68 6.43 0.75
N VAL A 212 -2.86 7.47 0.81
CA VAL A 212 -2.64 8.19 2.06
C VAL A 212 -3.27 9.59 2.06
N VAL A 213 -3.89 9.95 3.17
CA VAL A 213 -4.33 11.32 3.37
C VAL A 213 -3.35 11.99 4.33
N ASP A 214 -2.77 13.10 3.88
CA ASP A 214 -1.79 13.82 4.68
C ASP A 214 -2.36 15.16 5.14
N TYR A 215 -2.86 15.19 6.37
CA TYR A 215 -3.37 16.41 6.96
C TYR A 215 -2.49 16.86 8.11
N SER A 216 -2.79 18.05 8.63
CA SER A 216 -2.11 18.58 9.80
C SER A 216 -2.74 17.97 11.04
N THR A 217 -4.02 17.61 10.92
CA THR A 217 -4.78 16.97 11.99
C THR A 217 -4.44 15.48 12.16
N ARG A 218 -4.00 14.82 11.08
CA ARG A 218 -3.84 13.39 11.10
C ARG A 218 -3.33 12.85 9.77
N LYS A 219 -2.72 11.68 9.82
CA LYS A 219 -2.42 10.95 8.60
C LYS A 219 -3.31 9.72 8.52
N GLU A 220 -3.54 9.25 7.31
CA GLU A 220 -4.25 8.00 7.11
C GLU A 220 -3.54 7.19 6.06
N ILE A 221 -3.57 5.86 6.25
CA ILE A 221 -3.25 4.93 5.19
C ILE A 221 -4.50 4.13 4.90
N ARG A 222 -4.94 4.15 3.65
CA ARG A 222 -6.04 3.32 3.21
C ARG A 222 -5.50 2.31 2.22
N ILE A 223 -5.87 1.04 2.38
CA ILE A 223 -5.42 0.01 1.45
C ILE A 223 -6.62 -0.60 0.72
N TYR A 224 -6.58 -0.55 -0.61
CA TYR A 224 -7.71 -1.03 -1.43
C TYR A 224 -7.37 -2.32 -2.14
N LYS A 225 -8.35 -3.21 -2.20
CA LYS A 225 -8.19 -4.47 -2.90
C LYS A 225 -7.97 -4.20 -4.38
N THR A 226 -6.92 -4.80 -4.93
CA THR A 226 -6.62 -4.65 -6.35
C THR A 226 -6.84 -5.96 -7.06
N LYS A 227 -6.88 -5.90 -8.39
CA LYS A 227 -6.96 -7.07 -9.25
C LYS A 227 -5.70 -7.11 -10.11
N ARG A 228 -5.36 -8.28 -10.65
CA ARG A 228 -4.22 -8.37 -11.55
C ARG A 228 -4.68 -8.87 -12.92
N ARG A 229 -4.18 -8.23 -13.98
CA ARG A 229 -4.52 -8.67 -15.34
C ARG A 229 -3.29 -8.89 -16.21
N LYS A 230 -3.12 -10.13 -16.67
CA LYS A 230 -2.04 -10.47 -17.58
C LYS A 230 -2.12 -9.64 -18.85
N LEU A 231 -1.10 -8.81 -19.06
CA LEU A 231 -1.03 -7.90 -20.19
C LEU A 231 -0.93 -8.62 -21.54
N PHE A 232 -0.28 -9.79 -21.57
CA PHE A 232 -0.04 -10.49 -22.82
C PHE A 232 -0.27 -11.98 -22.71
N PRO A 233 -1.54 -12.39 -22.80
CA PRO A 233 -1.87 -13.82 -22.73
C PRO A 233 -0.95 -14.63 -23.65
N GLY A 234 -0.46 -15.75 -23.15
CA GLY A 234 0.29 -16.70 -23.95
C GLY A 234 1.76 -16.35 -24.10
N TYR A 235 2.21 -15.31 -23.39
CA TYR A 235 3.63 -14.95 -23.43
C TYR A 235 4.25 -15.22 -22.08
N VAL A 236 5.44 -15.83 -22.09
CA VAL A 236 6.26 -15.90 -20.89
C VAL A 236 7.64 -15.38 -21.24
N PHE A 237 8.08 -14.36 -20.50
CA PHE A 237 9.37 -13.76 -20.76
C PHE A 237 10.35 -14.42 -19.87
N VAL A 238 11.32 -15.05 -20.49
CA VAL A 238 12.29 -15.79 -19.74
C VAL A 238 13.68 -15.29 -20.13
N GLU A 239 14.48 -15.01 -19.11
CA GLU A 239 15.86 -14.57 -19.27
C GLU A 239 16.72 -15.83 -19.38
N MET A 240 17.53 -15.93 -20.42
CA MET A 240 18.28 -17.17 -20.62
C MET A 240 19.36 -17.03 -21.69
N ILE A 241 20.45 -17.77 -21.51
CA ILE A 241 21.40 -17.89 -22.60
C ILE A 241 20.62 -18.60 -23.69
N MET A 242 20.98 -18.38 -24.94
CA MET A 242 20.34 -19.09 -26.01
C MET A 242 21.34 -19.92 -26.81
N ASN A 243 21.26 -21.22 -26.65
CA ASN A 243 21.96 -22.16 -27.51
C ASN A 243 21.16 -23.44 -27.59
N ASP A 244 21.72 -24.45 -28.27
CA ASP A 244 21.04 -25.72 -28.44
C ASP A 244 20.44 -26.18 -27.11
N GLU A 245 21.28 -26.31 -26.09
CA GLU A 245 20.86 -26.82 -24.79
C GLU A 245 19.78 -25.97 -24.11
N ALA A 246 20.03 -24.67 -23.99
CA ALA A 246 19.02 -23.79 -23.41
C ALA A 246 17.71 -23.91 -24.20
N TYR A 247 17.80 -23.82 -25.52
CA TYR A 247 16.62 -23.93 -26.38
C TYR A 247 15.84 -25.19 -26.06
N ASN A 248 16.51 -26.34 -26.20
CA ASN A 248 15.87 -27.63 -25.98
C ASN A 248 15.43 -27.76 -24.52
N PHE A 249 16.22 -27.19 -23.62
CA PHE A 249 15.88 -27.24 -22.22
C PHE A 249 14.51 -26.64 -21.99
N VAL A 250 14.31 -25.39 -22.43
CA VAL A 250 13.00 -24.74 -22.23
C VAL A 250 11.92 -25.20 -23.23
N ARG A 251 12.29 -25.35 -24.50
CA ARG A 251 11.30 -25.80 -25.50
C ARG A 251 10.55 -27.08 -25.14
N SER A 252 11.20 -27.97 -24.39
CA SER A 252 10.63 -29.29 -24.17
C SER A 252 9.85 -29.33 -22.85
N VAL A 253 9.66 -28.16 -22.26
CA VAL A 253 8.86 -28.05 -21.06
C VAL A 253 7.40 -28.28 -21.43
N PRO A 254 6.66 -29.01 -20.59
CA PRO A 254 5.23 -29.22 -20.82
C PRO A 254 4.50 -27.88 -20.94
N TYR A 255 3.65 -27.78 -21.96
CA TYR A 255 2.90 -26.56 -22.22
C TYR A 255 3.67 -25.47 -22.93
N VAL A 256 4.99 -25.59 -22.99
CA VAL A 256 5.74 -24.66 -23.83
C VAL A 256 5.44 -24.97 -25.28
N MET A 257 4.97 -23.99 -26.03
CA MET A 257 4.52 -24.22 -27.40
C MET A 257 5.55 -23.79 -28.42
N GLY A 258 6.50 -22.97 -27.98
CA GLY A 258 7.52 -22.45 -28.88
C GLY A 258 8.08 -21.14 -28.41
N PHE A 259 8.87 -20.50 -29.27
CA PHE A 259 9.37 -19.17 -29.03
C PHE A 259 8.81 -18.22 -30.06
N VAL A 260 8.82 -16.93 -29.75
CA VAL A 260 8.65 -15.93 -30.79
C VAL A 260 9.96 -15.84 -31.56
N SER A 261 9.95 -16.27 -32.81
CA SER A 261 11.18 -16.22 -33.60
C SER A 261 10.87 -15.99 -35.07
N SER A 262 11.69 -15.17 -35.73
CA SER A 262 11.63 -15.02 -37.17
C SER A 262 11.90 -16.34 -37.87
N GLY A 263 13.18 -16.62 -38.14
CA GLY A 263 13.54 -17.84 -38.83
C GLY A 263 13.95 -18.96 -37.89
N GLY A 264 15.23 -19.01 -37.56
CA GLY A 264 15.76 -20.10 -36.76
C GLY A 264 15.79 -19.79 -35.27
N GLN A 265 17.00 -19.78 -34.72
CA GLN A 265 17.19 -19.51 -33.30
C GLN A 265 16.44 -18.23 -32.86
N PRO A 266 15.63 -18.35 -31.79
CA PRO A 266 14.69 -17.32 -31.31
C PRO A 266 15.28 -15.94 -31.12
N VAL A 267 14.43 -14.95 -31.35
CA VAL A 267 14.80 -13.54 -31.30
C VAL A 267 14.75 -12.98 -29.87
N PRO A 268 15.87 -12.40 -29.39
CA PRO A 268 15.92 -11.77 -28.07
C PRO A 268 15.21 -10.42 -28.09
N VAL A 269 14.24 -10.20 -27.21
CA VAL A 269 13.40 -9.00 -27.25
C VAL A 269 14.16 -7.67 -27.41
N LYS A 270 13.73 -6.86 -28.37
CA LYS A 270 14.31 -5.54 -28.53
C LYS A 270 14.23 -4.78 -27.21
N ASP A 271 15.32 -4.14 -26.82
CA ASP A 271 15.38 -3.32 -25.60
C ASP A 271 14.15 -2.43 -25.43
N ARG A 272 13.80 -1.70 -26.48
CA ARG A 272 12.67 -0.78 -26.42
C ARG A 272 11.39 -1.51 -26.03
N GLU A 273 11.22 -2.72 -26.55
CA GLU A 273 9.97 -3.44 -26.30
C GLU A 273 9.94 -4.13 -24.93
N MET A 274 11.12 -4.41 -24.38
CA MET A 274 11.25 -5.10 -23.09
C MET A 274 11.11 -4.15 -21.91
N ARG A 275 11.47 -2.89 -22.11
CA ARG A 275 11.48 -1.92 -21.01
C ARG A 275 10.17 -1.86 -20.20
N PRO A 276 9.02 -1.83 -20.87
CA PRO A 276 7.80 -1.81 -20.05
C PRO A 276 7.68 -3.09 -19.21
N ILE A 277 8.11 -4.22 -19.79
CA ILE A 277 8.02 -5.51 -19.12
C ILE A 277 8.80 -5.46 -17.81
N LEU A 278 10.05 -5.02 -17.92
CA LEU A 278 10.93 -4.85 -16.78
C LEU A 278 10.37 -3.90 -15.70
N ARG A 279 9.87 -2.74 -16.13
CA ARG A 279 9.34 -1.76 -15.19
C ARG A 279 8.10 -2.27 -14.49
N LEU A 280 7.19 -2.87 -15.25
CA LEU A 280 6.05 -3.55 -14.66
C LEU A 280 6.52 -4.58 -13.65
N ALA A 281 7.65 -5.23 -13.96
CA ALA A 281 8.16 -6.32 -13.14
C ALA A 281 8.90 -5.81 -11.91
N GLY A 282 9.06 -4.50 -11.80
CA GLY A 282 9.81 -3.94 -10.70
C GLY A 282 11.25 -4.40 -10.79
N LEU A 283 11.72 -4.59 -12.02
CA LEU A 283 13.08 -5.06 -12.25
C LEU A 283 13.94 -3.91 -12.76
N GLU A 284 13.28 -2.81 -13.11
CA GLU A 284 13.95 -1.56 -13.40
C GLU A 284 13.32 -0.49 -12.54
N GLU A 285 14.15 0.31 -11.89
CA GLU A 285 13.66 1.43 -11.09
C GLU A 285 13.58 2.66 -11.98
N TYR A 286 12.36 3.13 -12.21
CA TYR A 286 12.13 4.21 -13.17
C TYR A 286 11.50 5.45 -12.56
N GLU A 287 11.59 6.56 -13.27
CA GLU A 287 11.05 7.84 -12.82
C GLU A 287 9.55 7.77 -12.55
N LEU A 297 -5.39 17.79 -20.31
CA LEU A 297 -6.60 18.55 -20.56
C LEU A 297 -7.43 17.93 -21.69
N GLY A 298 -8.69 18.34 -21.78
CA GLY A 298 -9.62 17.85 -22.80
C GLY A 298 -9.16 16.65 -23.64
N PHE A 299 -9.05 15.48 -23.02
CA PHE A 299 -8.82 14.25 -23.77
C PHE A 299 -10.16 13.64 -24.18
N LYS A 300 -10.20 13.05 -25.36
CA LYS A 300 -11.40 12.34 -25.79
C LYS A 300 -11.09 10.89 -26.21
N VAL A 301 -12.10 10.04 -26.10
CA VAL A 301 -12.04 8.70 -26.64
C VAL A 301 -11.58 8.75 -28.09
N GLY A 302 -10.61 7.92 -28.44
CA GLY A 302 -10.08 7.91 -29.80
C GLY A 302 -8.94 8.90 -30.02
N ASP A 303 -8.69 9.75 -29.03
CA ASP A 303 -7.55 10.65 -29.08
C ASP A 303 -6.21 9.89 -29.10
N MET A 304 -5.30 10.31 -29.99
CA MET A 304 -3.94 9.78 -29.98
C MET A 304 -3.12 10.50 -28.92
N VAL A 305 -2.49 9.72 -28.03
CA VAL A 305 -1.65 10.30 -27.00
C VAL A 305 -0.30 9.63 -26.94
N LYS A 306 0.66 10.30 -26.30
CA LYS A 306 1.96 9.72 -26.08
C LYS A 306 2.14 9.50 -24.59
N ILE A 307 2.54 8.29 -24.22
CA ILE A 307 2.89 7.98 -22.85
C ILE A 307 4.23 8.63 -22.57
N ILE A 308 4.29 9.40 -21.48
CA ILE A 308 5.46 10.19 -21.20
C ILE A 308 6.11 9.73 -19.90
N SER A 309 5.39 8.91 -19.15
CA SER A 309 5.90 8.41 -17.89
C SER A 309 5.57 6.93 -17.72
N GLY A 310 6.26 6.26 -16.81
CA GLY A 310 5.87 4.91 -16.43
C GLY A 310 6.42 3.79 -17.29
N PRO A 311 6.05 2.55 -16.95
CA PRO A 311 6.46 1.36 -17.70
C PRO A 311 6.45 1.63 -19.18
N PHE A 312 5.30 2.08 -19.66
CA PHE A 312 5.06 2.27 -21.07
C PHE A 312 5.50 3.62 -21.61
N GLU A 313 6.35 4.32 -20.86
CA GLU A 313 6.93 5.57 -21.32
C GLU A 313 7.41 5.47 -22.77
N ASP A 314 7.30 6.57 -23.50
CA ASP A 314 7.80 6.65 -24.87
C ASP A 314 6.97 5.89 -25.89
N PHE A 315 5.84 5.34 -25.46
CA PHE A 315 4.95 4.65 -26.39
C PHE A 315 3.80 5.52 -26.86
N ALA A 316 3.41 5.32 -28.12
CA ALA A 316 2.22 5.98 -28.65
C ALA A 316 1.02 5.18 -28.17
N GLY A 317 -0.16 5.78 -28.28
CA GLY A 317 -1.37 5.09 -27.86
C GLY A 317 -2.65 5.76 -28.29
N VAL A 318 -3.76 5.06 -28.11
CA VAL A 318 -5.08 5.60 -28.42
C VAL A 318 -5.99 5.47 -27.22
N ILE A 319 -6.54 6.61 -26.78
CA ILE A 319 -7.47 6.60 -25.67
C ILE A 319 -8.67 5.75 -26.04
N LYS A 320 -9.11 4.94 -25.10
CA LYS A 320 -10.15 3.97 -25.37
C LYS A 320 -11.25 4.13 -24.33
N GLU A 321 -10.83 4.39 -23.09
CA GLU A 321 -11.73 4.53 -21.97
C GLU A 321 -11.17 5.69 -21.15
N ILE A 322 -12.06 6.52 -20.62
CA ILE A 322 -11.68 7.67 -19.82
C ILE A 322 -12.41 7.65 -18.48
N ASP A 323 -11.70 7.94 -17.40
CA ASP A 323 -12.30 7.90 -16.06
C ASP A 323 -11.94 9.11 -15.22
N PRO A 324 -12.60 10.25 -15.50
CA PRO A 324 -12.32 11.47 -14.74
C PRO A 324 -12.69 11.24 -13.28
N GLU A 325 -12.55 12.25 -12.45
CA GLU A 325 -12.78 12.06 -11.02
C GLU A 325 -12.02 10.82 -10.59
N ARG A 326 -10.94 10.56 -11.31
CA ARG A 326 -9.98 9.52 -10.97
C ARG A 326 -8.76 9.77 -11.85
N GLN A 327 -8.95 10.67 -12.82
CA GLN A 327 -7.90 11.07 -13.75
C GLN A 327 -7.17 9.87 -14.34
N GLU A 328 -7.95 8.87 -14.75
CA GLU A 328 -7.41 7.64 -15.32
C GLU A 328 -7.76 7.53 -16.80
N LEU A 329 -6.94 6.79 -17.52
CA LEU A 329 -7.18 6.49 -18.93
C LEU A 329 -6.88 5.04 -19.25
N LYS A 330 -7.73 4.43 -20.06
CA LYS A 330 -7.40 3.14 -20.65
C LYS A 330 -6.99 3.42 -22.08
N VAL A 331 -5.72 3.24 -22.39
CA VAL A 331 -5.26 3.46 -23.74
C VAL A 331 -4.67 2.20 -24.37
N ASN A 332 -4.97 2.02 -25.65
CA ASN A 332 -4.46 0.91 -26.41
C ASN A 332 -3.09 1.23 -26.97
N VAL A 333 -2.14 0.37 -26.66
CA VAL A 333 -0.78 0.53 -27.16
C VAL A 333 -0.39 -0.71 -27.96
N THR A 334 0.50 -0.52 -28.92
CA THR A 334 1.02 -1.64 -29.67
C THR A 334 2.40 -1.99 -29.19
N ILE A 335 2.54 -3.20 -28.65
CA ILE A 335 3.83 -3.81 -28.35
C ILE A 335 3.78 -5.18 -28.97
N PHE A 336 4.91 -5.65 -29.48
CA PHE A 336 4.97 -6.98 -30.08
C PHE A 336 3.85 -7.12 -31.09
N GLY A 337 3.51 -6.02 -31.75
CA GLY A 337 2.47 -6.04 -32.75
C GLY A 337 1.14 -6.46 -32.14
N ARG A 338 1.04 -6.35 -30.83
CA ARG A 338 -0.19 -6.67 -30.12
C ARG A 338 -0.89 -5.43 -29.59
N GLU A 339 -2.17 -5.32 -29.93
CA GLU A 339 -3.03 -4.28 -29.39
C GLU A 339 -3.21 -4.54 -27.90
N THR A 340 -2.83 -3.58 -27.07
CA THR A 340 -2.74 -3.83 -25.63
C THR A 340 -3.26 -2.68 -24.77
N PRO A 341 -4.40 -2.90 -24.11
CA PRO A 341 -4.98 -1.85 -23.27
C PRO A 341 -4.17 -1.70 -22.00
N VAL A 342 -3.74 -0.47 -21.72
CA VAL A 342 -3.05 -0.19 -20.48
C VAL A 342 -3.71 0.96 -19.75
N VAL A 343 -3.80 0.81 -18.43
CA VAL A 343 -4.37 1.80 -17.56
C VAL A 343 -3.26 2.69 -17.05
N LEU A 344 -3.55 3.95 -16.83
CA LEU A 344 -2.54 4.90 -16.40
C LEU A 344 -3.15 6.26 -16.09
N HIS A 345 -2.38 7.14 -15.47
CA HIS A 345 -2.91 8.45 -15.08
C HIS A 345 -2.75 9.47 -16.20
N VAL A 346 -3.67 10.43 -16.23
CA VAL A 346 -3.67 11.47 -17.26
C VAL A 346 -2.35 12.23 -17.22
N SER A 347 -1.76 12.29 -16.04
CA SER A 347 -0.47 12.93 -15.83
C SER A 347 0.67 12.16 -16.50
N GLU A 348 0.35 11.08 -17.21
CA GLU A 348 1.39 10.27 -17.84
C GLU A 348 1.29 10.31 -19.35
N VAL A 349 0.38 11.12 -19.87
CA VAL A 349 0.16 11.18 -21.30
C VAL A 349 0.18 12.60 -21.85
N GLU A 350 0.31 12.71 -23.17
CA GLU A 350 0.19 13.99 -23.87
C GLU A 350 -0.65 13.80 -25.11
N LYS A 351 -1.39 14.85 -25.49
CA LYS A 351 -2.38 14.73 -26.55
C LYS A 351 -1.80 14.85 -27.96
N ILE A 352 -0.46 14.89 -28.06
CA ILE A 352 0.21 15.00 -29.34
C ILE A 352 0.13 16.41 -29.91
#